data_3D9H
#
_entry.id   3D9H
#
_cell.length_a   129.254
_cell.length_b   129.254
_cell.length_c   129.254
_cell.angle_alpha   90.000
_cell.angle_beta   90.000
_cell.angle_gamma   90.000
#
_symmetry.space_group_name_H-M   'P 43 3 2'
#
loop_
_entity.id
_entity.type
_entity.pdbx_description
1 polymer 'cDNA FLJ77766, highly similar to Homo sapiens ankyrin repeat and SOCS box-containing 9 (ASB9), transcript variant 2, mRNA'
2 water water
#
_entity_poly.entity_id   1
_entity_poly.type   'polypeptide(L)'
_entity_poly.pdbx_seq_one_letter_code
;MGSSHHHHHHSSGLVPRGSHMASMDGKQGGMDGSKPAGPRDFPGIRLLSNPLMGDAVSDWSPMHEAAIHGHQLSLRNLIS
QGWAVNIITADHVSPLHEACLGGHLSCVKILLKHGAQVNGVTADWHTPLFNACVSGSWDCVNLLLQHGASVQPESDLASP
IHEAARRGHVECVNSLIAYGGNIDHKISHLGTPLYLACENQQRACVKKLLESGADVNQGKGQDSPLHAVVRTASEELACL
LMDFGADTQAKNAEGKRPVELVPPESPLAQLFLEREGASLPKPKP
;
_entity_poly.pdbx_strand_id   A
#
# COMPACT_ATOMS: atom_id res chain seq x y z
N PHE A 42 -17.98 16.25 6.43
CA PHE A 42 -18.47 15.47 5.27
C PHE A 42 -20.00 15.33 5.29
N PRO A 43 -20.55 14.86 4.17
CA PRO A 43 -21.97 14.67 4.04
C PRO A 43 -22.34 13.22 4.37
N GLY A 44 -22.41 12.91 5.66
CA GLY A 44 -22.66 11.54 6.06
C GLY A 44 -22.82 11.38 7.55
N ILE A 45 -23.40 10.23 7.91
CA ILE A 45 -23.69 9.91 9.30
C ILE A 45 -22.44 9.46 10.06
N ARG A 46 -22.36 9.89 11.31
CA ARG A 46 -21.22 9.54 12.16
C ARG A 46 -21.67 8.83 13.41
N LEU A 47 -20.81 7.92 13.86
CA LEU A 47 -21.00 7.17 15.09
C LEU A 47 -20.02 7.67 16.15
N LEU A 48 -20.52 8.33 17.18
CA LEU A 48 -19.63 8.99 18.14
C LEU A 48 -19.38 8.12 19.34
N SER A 49 -18.17 8.22 19.87
CA SER A 49 -17.81 7.49 21.08
C SER A 49 -18.31 8.22 22.33
N ASN A 50 -18.68 7.46 23.35
CA ASN A 50 -18.97 8.04 24.65
C ASN A 50 -17.92 7.51 25.62
N PRO A 51 -16.92 8.34 25.92
CA PRO A 51 -15.83 7.85 26.74
C PRO A 51 -16.29 7.53 28.16
N LEU A 52 -17.47 8.00 28.53
CA LEU A 52 -18.04 7.66 29.84
C LEU A 52 -18.97 6.45 29.76
N MET A 53 -19.38 6.10 28.55
CA MET A 53 -20.16 4.89 28.32
C MET A 53 -19.56 4.12 27.13
N GLY A 54 -18.68 3.18 27.45
CA GLY A 54 -17.92 2.46 26.44
C GLY A 54 -18.65 1.28 25.82
N ASP A 55 -19.59 0.70 26.55
CA ASP A 55 -20.41 -0.34 25.94
C ASP A 55 -21.16 0.24 24.75
N ALA A 56 -21.57 1.50 24.87
CA ALA A 56 -22.19 2.20 23.76
C ALA A 56 -21.34 1.99 22.50
N VAL A 57 -21.99 1.54 21.44
CA VAL A 57 -21.32 1.21 20.19
C VAL A 57 -20.82 2.47 19.47
N SER A 58 -19.55 2.45 19.09
CA SER A 58 -18.99 3.54 18.31
C SER A 58 -17.98 3.05 17.28
N ASP A 59 -17.69 1.76 17.30
CA ASP A 59 -16.59 1.22 16.53
C ASP A 59 -17.04 0.24 15.45
N TRP A 60 -18.35 0.12 15.26
CA TRP A 60 -18.89 -0.85 14.33
CA TRP A 60 -18.92 -0.93 14.42
C TRP A 60 -20.32 -0.57 14.10
N SER A 61 -20.83 -1.16 13.02
CA SER A 61 -22.26 -1.20 12.77
C SER A 61 -22.59 -2.41 11.91
N PRO A 62 -23.87 -2.68 11.73
CA PRO A 62 -24.29 -3.77 10.86
C PRO A 62 -23.93 -3.56 9.40
N MET A 63 -23.84 -2.30 8.98
CA MET A 63 -23.33 -1.99 7.64
C MET A 63 -21.82 -2.38 7.48
N HIS A 64 -21.02 -2.09 8.51
CA HIS A 64 -19.59 -2.45 8.52
C HIS A 64 -19.47 -3.95 8.58
N GLU A 65 -20.26 -4.56 9.45
CA GLU A 65 -20.32 -5.99 9.61
C GLU A 65 -20.52 -6.68 8.25
N ALA A 66 -21.49 -6.22 7.49
CA ALA A 66 -21.79 -6.83 6.19
C ALA A 66 -20.67 -6.58 5.17
N ALA A 67 -20.09 -5.38 5.19
CA ALA A 67 -18.98 -5.01 4.30
C ALA A 67 -17.75 -5.89 4.57
N ILE A 68 -17.42 -6.10 5.83
CA ILE A 68 -16.19 -6.82 6.12
C ILE A 68 -16.24 -8.30 5.70
N HIS A 69 -17.44 -8.87 5.69
CA HIS A 69 -17.63 -10.28 5.43
C HIS A 69 -18.12 -10.55 4.03
N GLY A 70 -18.23 -9.50 3.23
CA GLY A 70 -18.69 -9.62 1.87
C GLY A 70 -20.12 -10.10 1.78
N HIS A 71 -21.00 -9.43 2.52
CA HIS A 71 -22.42 -9.69 2.42
C HIS A 71 -23.14 -8.58 1.69
N GLN A 72 -23.05 -8.60 0.37
CA GLN A 72 -23.57 -7.52 -0.44
C GLN A 72 -25.08 -7.54 -0.53
N LEU A 73 -25.70 -8.68 -0.28
CA LEU A 73 -27.15 -8.75 -0.33
C LEU A 73 -27.70 -8.16 0.95
N SER A 74 -27.05 -8.50 2.06
CA SER A 74 -27.29 -7.87 3.35
C SER A 74 -27.10 -6.35 3.29
N LEU A 75 -26.05 -5.88 2.60
CA LEU A 75 -25.82 -4.44 2.41
C LEU A 75 -27.00 -3.84 1.65
N ARG A 76 -27.47 -4.53 0.61
CA ARG A 76 -28.62 -4.12 -0.19
CA ARG A 76 -28.62 -4.05 -0.18
C ARG A 76 -29.85 -3.89 0.70
N ASN A 77 -30.14 -4.89 1.52
CA ASN A 77 -31.27 -4.82 2.42
C ASN A 77 -31.18 -3.64 3.38
N LEU A 78 -30.00 -3.42 3.97
CA LEU A 78 -29.83 -2.28 4.88
C LEU A 78 -29.98 -0.96 4.13
N ILE A 79 -29.43 -0.87 2.94
CA ILE A 79 -29.59 0.30 2.15
C ILE A 79 -31.09 0.56 1.83
N SER A 80 -31.83 -0.47 1.43
CA SER A 80 -33.25 -0.30 1.07
C SER A 80 -34.05 0.07 2.33
N GLN A 81 -33.55 -0.25 3.53
CA GLN A 81 -34.19 0.19 4.78
C GLN A 81 -33.88 1.63 5.18
N GLY A 82 -33.13 2.33 4.33
CA GLY A 82 -32.77 3.74 4.60
C GLY A 82 -31.47 3.97 5.38
N TRP A 83 -30.64 2.94 5.52
CA TRP A 83 -29.33 3.13 6.17
C TRP A 83 -28.32 3.72 5.20
N ALA A 84 -27.68 4.84 5.58
CA ALA A 84 -26.64 5.49 4.73
C ALA A 84 -25.43 4.55 4.46
N VAL A 85 -24.83 4.61 3.28
CA VAL A 85 -23.56 3.93 3.05
C VAL A 85 -22.37 4.74 3.62
N ASN A 86 -22.53 6.07 3.70
CA ASN A 86 -21.47 6.90 4.26
C ASN A 86 -21.67 7.05 5.73
N ILE A 87 -21.34 5.99 6.45
CA ILE A 87 -21.45 5.97 7.91
CA ILE A 87 -21.47 5.98 7.88
C ILE A 87 -20.07 5.63 8.43
N ILE A 88 -19.54 6.50 9.28
CA ILE A 88 -18.19 6.32 9.78
C ILE A 88 -18.16 6.12 11.29
N THR A 89 -17.27 5.21 11.71
CA THR A 89 -17.03 4.93 13.10
C THR A 89 -16.29 6.11 13.68
N ALA A 90 -16.06 6.08 15.00
CA ALA A 90 -15.34 7.17 15.66
C ALA A 90 -13.91 7.34 15.09
N ASP A 91 -13.35 6.24 14.56
CA ASP A 91 -12.04 6.28 13.90
C ASP A 91 -12.13 6.55 12.42
N HIS A 92 -13.29 7.03 11.97
CA HIS A 92 -13.51 7.42 10.56
C HIS A 92 -13.40 6.30 9.55
N VAL A 93 -13.76 5.09 9.98
CA VAL A 93 -13.83 3.92 9.08
C VAL A 93 -15.22 3.75 8.47
N SER A 94 -15.31 3.73 7.16
CA SER A 94 -16.58 3.49 6.48
C SER A 94 -16.71 2.03 6.04
N PRO A 95 -17.93 1.56 5.74
CA PRO A 95 -18.11 0.23 5.17
C PRO A 95 -17.25 0.03 3.91
N LEU A 96 -17.12 1.05 3.04
CA LEU A 96 -16.26 0.92 1.89
C LEU A 96 -14.80 0.54 2.29
N HIS A 97 -14.29 1.13 3.39
CA HIS A 97 -12.90 0.84 3.82
C HIS A 97 -12.77 -0.67 4.09
N GLU A 98 -13.78 -1.18 4.79
CA GLU A 98 -13.84 -2.56 5.21
C GLU A 98 -14.03 -3.50 4.03
N ALA A 99 -14.97 -3.21 3.13
CA ALA A 99 -15.17 -4.03 1.93
C ALA A 99 -13.85 -4.15 1.14
N CYS A 100 -13.15 -3.03 0.97
CA CYS A 100 -11.88 -3.00 0.21
C CYS A 100 -10.83 -3.85 0.88
N LEU A 101 -10.72 -3.71 2.20
CA LEU A 101 -9.83 -4.51 3.01
C LEU A 101 -10.10 -6.01 2.85
N GLY A 102 -11.35 -6.40 2.58
CA GLY A 102 -11.66 -7.83 2.39
C GLY A 102 -11.65 -8.28 0.94
N GLY A 103 -11.38 -7.38 0.01
CA GLY A 103 -11.43 -7.77 -1.39
C GLY A 103 -12.83 -8.09 -1.87
N HIS A 104 -13.83 -7.52 -1.18
CA HIS A 104 -15.24 -7.83 -1.49
C HIS A 104 -15.80 -6.96 -2.62
N LEU A 105 -15.52 -7.39 -3.85
CA LEU A 105 -15.78 -6.57 -5.04
C LEU A 105 -17.26 -6.15 -5.18
N SER A 106 -18.18 -7.07 -4.89
CA SER A 106 -19.61 -6.81 -5.06
C SER A 106 -20.08 -5.83 -3.98
N CYS A 107 -19.51 -5.93 -2.79
CA CYS A 107 -19.78 -4.96 -1.74
C CYS A 107 -19.26 -3.55 -2.13
N VAL A 108 -18.04 -3.48 -2.68
CA VAL A 108 -17.47 -2.21 -3.13
C VAL A 108 -18.42 -1.59 -4.20
N LYS A 109 -18.87 -2.41 -5.17
CA LYS A 109 -19.76 -1.93 -6.23
C LYS A 109 -21.08 -1.35 -5.68
N ILE A 110 -21.74 -2.08 -4.76
CA ILE A 110 -22.99 -1.58 -4.22
C ILE A 110 -22.84 -0.33 -3.35
N LEU A 111 -21.74 -0.26 -2.61
CA LEU A 111 -21.46 0.94 -1.82
C LEU A 111 -21.25 2.16 -2.74
N LEU A 112 -20.45 1.96 -3.77
CA LEU A 112 -20.17 3.00 -4.73
C LEU A 112 -21.43 3.44 -5.46
N LYS A 113 -22.25 2.46 -5.87
CA LYS A 113 -23.54 2.73 -6.51
C LYS A 113 -24.35 3.70 -5.66
N HIS A 114 -24.36 3.50 -4.34
CA HIS A 114 -25.19 4.33 -3.46
C HIS A 114 -24.46 5.51 -2.86
N GLY A 115 -23.37 5.93 -3.49
CA GLY A 115 -22.70 7.17 -3.09
C GLY A 115 -21.56 7.14 -2.09
N ALA A 116 -21.00 5.95 -1.85
CA ALA A 116 -19.86 5.84 -0.91
C ALA A 116 -18.73 6.75 -1.34
N GLN A 117 -18.17 7.46 -0.36
CA GLN A 117 -17.04 8.33 -0.59
CA GLN A 117 -17.02 8.34 -0.52
C GLN A 117 -15.80 7.52 -0.91
N VAL A 118 -15.16 7.87 -2.01
CA VAL A 118 -14.09 7.08 -2.56
C VAL A 118 -12.75 7.39 -1.90
N ASN A 119 -12.60 8.62 -1.41
CA ASN A 119 -11.31 9.13 -0.96
C ASN A 119 -11.27 9.42 0.52
N GLY A 120 -12.19 8.81 1.28
CA GLY A 120 -12.22 9.02 2.71
C GLY A 120 -10.99 8.47 3.38
N VAL A 121 -10.57 9.12 4.45
CA VAL A 121 -9.34 8.81 5.15
C VAL A 121 -9.69 8.40 6.58
N THR A 122 -9.16 7.29 7.08
CA THR A 122 -9.48 6.85 8.44
C THR A 122 -8.56 7.62 9.39
N ALA A 123 -8.72 7.40 10.69
CA ALA A 123 -7.85 8.02 11.69
C ALA A 123 -6.38 7.61 11.47
N ASP A 124 -6.16 6.43 10.86
CA ASP A 124 -4.81 6.00 10.50
C ASP A 124 -4.43 6.39 9.10
N TRP A 125 -5.19 7.28 8.46
CA TRP A 125 -4.84 7.80 7.13
C TRP A 125 -5.13 6.86 5.96
N HIS A 126 -5.76 5.73 6.25
CA HIS A 126 -6.12 4.77 5.20
C HIS A 126 -7.22 5.26 4.29
N THR A 127 -7.01 5.10 2.98
CA THR A 127 -8.07 5.29 2.03
C THR A 127 -8.59 3.91 1.63
N PRO A 128 -9.80 3.86 1.02
CA PRO A 128 -10.31 2.62 0.42
C PRO A 128 -9.25 2.01 -0.54
N LEU A 129 -8.61 2.84 -1.35
CA LEU A 129 -7.60 2.35 -2.27
C LEU A 129 -6.40 1.72 -1.51
N PHE A 130 -5.94 2.37 -0.46
CA PHE A 130 -4.89 1.79 0.37
C PHE A 130 -5.31 0.38 0.88
N ASN A 131 -6.54 0.29 1.41
CA ASN A 131 -7.07 -0.97 1.93
C ASN A 131 -7.19 -2.07 0.88
N ALA A 132 -7.57 -1.73 -0.33
CA ALA A 132 -7.58 -2.68 -1.45
C ALA A 132 -6.15 -3.20 -1.72
N CYS A 133 -5.16 -2.30 -1.64
CA CYS A 133 -3.74 -2.68 -1.80
C CYS A 133 -3.27 -3.61 -0.66
N VAL A 134 -3.74 -3.34 0.55
CA VAL A 134 -3.52 -4.25 1.66
C VAL A 134 -4.03 -5.66 1.34
N SER A 135 -5.24 -5.72 0.80
CA SER A 135 -5.91 -6.99 0.54
C SER A 135 -5.33 -7.72 -0.67
N GLY A 136 -4.78 -6.96 -1.61
CA GLY A 136 -4.23 -7.53 -2.81
C GLY A 136 -5.24 -7.75 -3.91
N SER A 137 -6.46 -7.25 -3.71
CA SER A 137 -7.49 -7.35 -4.71
C SER A 137 -7.29 -6.32 -5.81
N TRP A 138 -6.67 -6.72 -6.90
CA TRP A 138 -6.47 -5.78 -8.01
C TRP A 138 -7.83 -5.39 -8.60
N ASP A 139 -8.82 -6.28 -8.49
CA ASP A 139 -10.19 -6.02 -8.98
C ASP A 139 -10.76 -4.77 -8.25
N CYS A 140 -10.61 -4.76 -6.94
CA CYS A 140 -11.08 -3.65 -6.12
C CYS A 140 -10.29 -2.40 -6.43
N VAL A 141 -8.97 -2.55 -6.59
CA VAL A 141 -8.10 -1.44 -6.93
C VAL A 141 -8.54 -0.82 -8.25
N ASN A 142 -8.70 -1.65 -9.29
CA ASN A 142 -9.13 -1.15 -10.59
C ASN A 142 -10.48 -0.44 -10.53
N LEU A 143 -11.40 -0.98 -9.75
CA LEU A 143 -12.75 -0.44 -9.70
C LEU A 143 -12.70 0.96 -9.06
N LEU A 144 -11.93 1.07 -7.97
CA LEU A 144 -11.77 2.36 -7.29
C LEU A 144 -11.14 3.39 -8.20
N LEU A 145 -10.08 2.97 -8.90
CA LEU A 145 -9.44 3.87 -9.84
C LEU A 145 -10.40 4.27 -10.97
N GLN A 146 -11.18 3.32 -11.44
CA GLN A 146 -12.27 3.68 -12.37
C GLN A 146 -13.23 4.72 -11.81
N HIS A 147 -13.45 4.72 -10.50
CA HIS A 147 -14.35 5.70 -9.91
C HIS A 147 -13.61 6.98 -9.48
N GLY A 148 -12.44 7.22 -10.06
CA GLY A 148 -11.58 8.40 -9.75
C GLY A 148 -10.87 8.46 -8.40
N ALA A 149 -10.63 7.32 -7.75
CA ALA A 149 -9.84 7.33 -6.53
C ALA A 149 -8.46 7.94 -6.82
N SER A 150 -7.98 8.83 -5.96
CA SER A 150 -6.67 9.43 -6.13
CA SER A 150 -6.65 9.43 -6.11
C SER A 150 -5.59 8.35 -5.96
N VAL A 151 -4.74 8.18 -6.97
CA VAL A 151 -3.66 7.19 -6.90
CA VAL A 151 -3.65 7.19 -6.90
C VAL A 151 -2.69 7.45 -5.75
N GLN A 152 -2.38 8.74 -5.51
CA GLN A 152 -1.45 9.11 -4.44
C GLN A 152 -2.12 10.08 -3.48
N PRO A 153 -2.77 9.57 -2.41
CA PRO A 153 -3.38 10.40 -1.37
C PRO A 153 -2.36 11.36 -0.73
N GLU A 154 -2.87 12.43 -0.09
CA GLU A 154 -2.03 13.49 0.51
C GLU A 154 -1.18 12.98 1.68
N SER A 155 -1.65 12.00 2.42
CA SER A 155 -0.83 11.53 3.53
C SER A 155 0.17 10.48 3.08
N ASP A 156 1.43 10.87 3.15
CA ASP A 156 2.48 9.92 2.83
CA ASP A 156 2.54 9.95 2.87
C ASP A 156 2.60 8.88 3.96
N LEU A 157 1.59 8.85 4.82
CA LEU A 157 1.47 7.88 5.91
C LEU A 157 0.73 6.62 5.49
N ALA A 158 0.09 6.66 4.31
CA ALA A 158 -0.55 5.46 3.80
C ALA A 158 -0.54 5.44 2.25
N SER A 159 0.62 5.18 1.67
CA SER A 159 0.81 5.19 0.24
C SER A 159 0.40 3.84 -0.39
N PRO A 160 -0.61 3.86 -1.28
CA PRO A 160 -1.04 2.60 -1.90
C PRO A 160 0.10 1.89 -2.63
N ILE A 161 0.86 2.62 -3.44
CA ILE A 161 1.89 1.97 -4.23
C ILE A 161 2.99 1.33 -3.35
N HIS A 162 3.31 1.99 -2.24
CA HIS A 162 4.29 1.45 -1.29
C HIS A 162 3.75 0.18 -0.64
N GLU A 163 2.48 0.24 -0.21
CA GLU A 163 1.87 -0.87 0.47
C GLU A 163 1.75 -2.07 -0.43
N ALA A 164 1.28 -1.86 -1.65
CA ALA A 164 1.24 -2.93 -2.64
C ALA A 164 2.64 -3.53 -2.88
N ALA A 165 3.64 -2.65 -3.07
CA ALA A 165 5.00 -3.12 -3.35
C ALA A 165 5.55 -3.91 -2.17
N ARG A 166 5.38 -3.40 -0.96
CA ARG A 166 5.96 -4.07 0.18
CA ARG A 166 5.94 -4.04 0.21
C ARG A 166 5.30 -5.42 0.48
N ARG A 167 4.06 -5.61 -0.01
CA ARG A 167 3.36 -6.87 0.17
C ARG A 167 3.56 -7.80 -1.03
N GLY A 168 4.23 -7.35 -2.08
CA GLY A 168 4.41 -8.17 -3.27
C GLY A 168 3.17 -8.28 -4.15
N HIS A 169 2.26 -7.30 -4.02
CA HIS A 169 1.07 -7.28 -4.86
C HIS A 169 1.31 -6.62 -6.20
N VAL A 170 1.84 -7.37 -7.16
CA VAL A 170 2.41 -6.77 -8.36
C VAL A 170 1.31 -6.25 -9.25
N GLU A 171 0.20 -6.99 -9.30
CA GLU A 171 -0.94 -6.56 -10.11
C GLU A 171 -1.52 -5.23 -9.63
N CYS A 172 -1.57 -5.05 -8.33
CA CYS A 172 -2.02 -3.77 -7.73
C CYS A 172 -1.04 -2.67 -8.12
N VAL A 173 0.26 -2.97 -8.01
CA VAL A 173 1.29 -2.00 -8.48
C VAL A 173 1.07 -1.66 -9.94
N ASN A 174 0.83 -2.69 -10.77
CA ASN A 174 0.53 -2.42 -12.18
C ASN A 174 -0.63 -1.48 -12.37
N SER A 175 -1.72 -1.72 -11.63
CA SER A 175 -2.94 -0.89 -11.84
C SER A 175 -2.65 0.56 -11.44
N LEU A 176 -1.96 0.74 -10.34
CA LEU A 176 -1.64 2.13 -9.86
C LEU A 176 -0.79 2.89 -10.89
N ILE A 177 0.20 2.22 -11.46
CA ILE A 177 1.02 2.85 -12.50
C ILE A 177 0.19 3.20 -13.73
N ALA A 178 -0.65 2.26 -14.19
CA ALA A 178 -1.59 2.55 -15.30
C ALA A 178 -2.43 3.80 -15.03
N TYR A 179 -2.75 4.09 -13.76
CA TYR A 179 -3.49 5.33 -13.48
C TYR A 179 -2.68 6.55 -13.06
N GLY A 180 -1.40 6.58 -13.45
CA GLY A 180 -0.56 7.74 -13.14
C GLY A 180 0.35 7.62 -11.93
N GLY A 181 0.33 6.48 -11.22
CA GLY A 181 1.16 6.35 -10.00
C GLY A 181 2.65 6.47 -10.35
N ASN A 182 3.41 7.10 -9.46
CA ASN A 182 4.81 7.31 -9.74
C ASN A 182 5.55 6.12 -9.14
N ILE A 183 6.12 5.30 -10.02
CA ILE A 183 6.84 4.10 -9.62
C ILE A 183 8.03 4.40 -8.69
N ASP A 184 8.58 5.61 -8.78
CA ASP A 184 9.76 6.01 -7.99
C ASP A 184 9.44 6.93 -6.82
N HIS A 185 8.17 6.99 -6.42
CA HIS A 185 7.72 7.95 -5.41
C HIS A 185 8.48 7.70 -4.12
N LYS A 186 9.18 8.72 -3.64
CA LYS A 186 10.05 8.55 -2.50
C LYS A 186 9.49 9.21 -1.28
N ILE A 187 9.25 8.44 -0.23
CA ILE A 187 8.67 9.02 0.95
C ILE A 187 9.73 9.10 2.04
N SER A 188 9.76 10.24 2.75
CA SER A 188 10.63 10.43 3.91
C SER A 188 10.52 9.32 4.93
N HIS A 189 11.66 8.79 5.34
CA HIS A 189 11.73 7.77 6.36
C HIS A 189 11.01 6.49 5.98
N LEU A 190 10.79 6.31 4.69
CA LEU A 190 10.21 5.10 4.17
C LEU A 190 10.98 4.58 2.95
N GLY A 191 11.15 5.45 1.96
CA GLY A 191 11.83 5.11 0.74
C GLY A 191 10.92 4.97 -0.47
N THR A 192 11.44 4.35 -1.52
CA THR A 192 10.69 4.10 -2.75
C THR A 192 9.98 2.74 -2.61
N PRO A 193 9.00 2.45 -3.49
CA PRO A 193 8.38 1.14 -3.53
C PRO A 193 9.45 0.03 -3.73
N LEU A 194 10.43 0.28 -4.62
CA LEU A 194 11.58 -0.63 -4.80
C LEU A 194 12.29 -0.94 -3.49
N TYR A 195 12.67 0.11 -2.76
CA TYR A 195 13.32 -0.06 -1.45
C TYR A 195 12.48 -0.92 -0.50
N LEU A 196 11.17 -0.66 -0.43
CA LEU A 196 10.29 -1.43 0.45
C LEU A 196 10.14 -2.88 0.00
N ALA A 197 10.02 -3.08 -1.30
CA ALA A 197 9.95 -4.43 -1.85
C ALA A 197 11.22 -5.26 -1.48
N CYS A 198 12.39 -4.65 -1.65
CA CYS A 198 13.66 -5.27 -1.25
C CYS A 198 13.68 -5.58 0.24
N GLU A 199 13.32 -4.58 1.04
CA GLU A 199 13.33 -4.70 2.49
C GLU A 199 12.40 -5.81 2.95
N ASN A 200 11.33 -6.05 2.22
CA ASN A 200 10.39 -7.08 2.62
C ASN A 200 10.60 -8.42 1.84
N GLN A 201 11.75 -8.51 1.18
CA GLN A 201 12.17 -9.72 0.47
C GLN A 201 11.23 -10.12 -0.63
N GLN A 202 10.63 -9.15 -1.33
CA GLN A 202 9.60 -9.44 -2.32
C GLN A 202 10.28 -9.56 -3.67
N ARG A 203 10.99 -10.67 -3.84
CA ARG A 203 11.88 -10.79 -5.01
C ARG A 203 11.11 -10.63 -6.35
N ALA A 204 9.98 -11.33 -6.48
CA ALA A 204 9.18 -11.23 -7.73
C ALA A 204 8.73 -9.81 -7.99
N CYS A 205 8.32 -9.12 -6.92
CA CYS A 205 7.92 -7.71 -7.04
C CYS A 205 9.10 -6.80 -7.40
N VAL A 206 10.27 -7.05 -6.82
CA VAL A 206 11.46 -6.25 -7.13
C VAL A 206 11.77 -6.44 -8.61
N LYS A 207 11.71 -7.70 -9.04
CA LYS A 207 11.96 -8.00 -10.45
C LYS A 207 11.00 -7.21 -11.31
N LYS A 208 9.71 -7.23 -10.99
CA LYS A 208 8.69 -6.57 -11.83
C LYS A 208 8.92 -5.08 -11.83
N LEU A 209 9.23 -4.50 -10.67
CA LEU A 209 9.49 -3.04 -10.61
C LEU A 209 10.67 -2.67 -11.48
N LEU A 210 11.71 -3.49 -11.44
CA LEU A 210 12.89 -3.20 -12.21
C LEU A 210 12.53 -3.39 -13.69
N GLU A 211 11.78 -4.44 -14.02
CA GLU A 211 11.36 -4.66 -15.41
C GLU A 211 10.51 -3.51 -15.95
N SER A 212 9.72 -2.88 -15.06
CA SER A 212 8.89 -1.71 -15.38
C SER A 212 9.59 -0.37 -15.34
N GLY A 213 10.91 -0.35 -15.16
CA GLY A 213 11.65 0.90 -15.25
C GLY A 213 11.91 1.65 -13.97
N ALA A 214 11.63 1.05 -12.81
CA ALA A 214 11.94 1.70 -11.53
C ALA A 214 13.40 2.08 -11.49
N ASP A 215 13.68 3.27 -10.97
CA ASP A 215 15.03 3.68 -10.67
C ASP A 215 15.76 2.77 -9.62
N VAL A 216 16.71 1.97 -10.13
CA VAL A 216 17.44 0.93 -9.38
C VAL A 216 18.24 1.52 -8.24
N ASN A 217 18.53 2.82 -8.36
CA ASN A 217 19.38 3.47 -7.42
C ASN A 217 18.67 4.34 -6.40
N GLN A 218 17.34 4.40 -6.41
CA GLN A 218 16.64 5.26 -5.43
C GLN A 218 16.08 4.43 -4.29
N GLY A 219 16.53 4.74 -3.08
CA GLY A 219 16.22 3.92 -1.92
C GLY A 219 15.49 4.71 -0.86
N LYS A 220 16.18 4.97 0.23
CA LYS A 220 15.59 5.72 1.31
C LYS A 220 16.71 6.61 1.82
N GLY A 221 16.52 7.92 1.69
CA GLY A 221 17.61 8.84 1.96
C GLY A 221 18.80 8.44 1.10
N GLN A 222 19.98 8.32 1.71
CA GLN A 222 21.20 7.94 0.97
C GLN A 222 21.47 6.42 1.02
N ASP A 223 20.53 5.66 1.57
CA ASP A 223 20.62 4.19 1.66
C ASP A 223 20.00 3.63 0.40
N SER A 224 20.82 3.38 -0.63
CA SER A 224 20.30 2.85 -1.90
C SER A 224 19.72 1.43 -1.72
N PRO A 225 18.89 0.96 -2.67
CA PRO A 225 18.39 -0.43 -2.51
C PRO A 225 19.55 -1.43 -2.40
N LEU A 226 20.63 -1.24 -3.17
CA LEU A 226 21.78 -2.15 -3.08
C LEU A 226 22.42 -2.16 -1.68
N HIS A 227 22.63 -0.99 -1.06
CA HIS A 227 23.11 -0.93 0.34
C HIS A 227 22.21 -1.77 1.24
N ALA A 228 20.90 -1.54 1.13
CA ALA A 228 19.97 -2.13 2.06
C ALA A 228 20.00 -3.66 1.96
N VAL A 229 20.07 -4.21 0.73
CA VAL A 229 20.03 -5.66 0.59
C VAL A 229 21.37 -6.36 0.91
N VAL A 230 22.51 -5.68 0.70
CA VAL A 230 23.78 -6.27 1.13
C VAL A 230 23.86 -6.35 2.64
N ARG A 231 23.28 -5.35 3.32
CA ARG A 231 23.32 -5.31 4.77
C ARG A 231 22.61 -6.52 5.34
N THR A 232 21.55 -6.97 4.67
CA THR A 232 20.83 -8.15 5.15
C THR A 232 21.39 -9.42 4.48
N ALA A 233 22.50 -9.27 3.76
CA ALA A 233 23.18 -10.42 3.12
C ALA A 233 22.28 -11.13 2.10
N SER A 234 21.32 -10.39 1.50
CA SER A 234 20.43 -10.96 0.48
C SER A 234 21.06 -11.00 -0.90
N GLU A 235 21.75 -12.11 -1.15
CA GLU A 235 22.45 -12.32 -2.41
C GLU A 235 21.54 -12.36 -3.63
N GLU A 236 20.35 -12.94 -3.51
CA GLU A 236 19.41 -12.94 -4.66
C GLU A 236 19.17 -11.48 -5.10
N LEU A 237 18.78 -10.65 -4.13
CA LEU A 237 18.39 -9.25 -4.37
C LEU A 237 19.56 -8.38 -4.84
N ALA A 238 20.73 -8.59 -4.22
CA ALA A 238 21.96 -7.87 -4.64
C ALA A 238 22.27 -8.14 -6.11
N CYS A 239 22.28 -9.41 -6.51
CA CYS A 239 22.56 -9.72 -7.92
C CYS A 239 21.48 -9.22 -8.89
N LEU A 240 20.22 -9.29 -8.47
CA LEU A 240 19.12 -8.76 -9.26
C LEU A 240 19.24 -7.26 -9.50
N LEU A 241 19.52 -6.53 -8.43
CA LEU A 241 19.69 -5.08 -8.52
C LEU A 241 20.87 -4.72 -9.41
N MET A 242 21.98 -5.43 -9.24
CA MET A 242 23.15 -5.23 -10.07
C MET A 242 22.89 -5.55 -11.53
N ASP A 243 22.16 -6.62 -11.79
CA ASP A 243 21.74 -6.95 -13.16
C ASP A 243 20.97 -5.83 -13.82
N PHE A 244 20.27 -5.03 -13.01
CA PHE A 244 19.51 -3.87 -13.55
C PHE A 244 20.27 -2.55 -13.38
N GLY A 245 21.59 -2.64 -13.21
CA GLY A 245 22.46 -1.46 -13.22
C GLY A 245 22.69 -0.73 -11.91
N ALA A 246 22.49 -1.38 -10.78
CA ALA A 246 22.73 -0.71 -9.49
C ALA A 246 24.18 -0.22 -9.36
N ASP A 247 24.31 0.94 -8.73
CA ASP A 247 25.54 1.62 -8.61
C ASP A 247 26.30 1.09 -7.41
N THR A 248 27.33 0.30 -7.69
CA THR A 248 28.15 -0.33 -6.65
C THR A 248 29.08 0.67 -5.93
N GLN A 249 29.21 1.86 -6.50
CA GLN A 249 30.08 2.89 -5.93
C GLN A 249 29.34 3.96 -5.12
N ALA A 250 28.01 4.01 -5.19
CA ALA A 250 27.24 4.98 -4.38
C ALA A 250 27.62 4.92 -2.90
N LYS A 251 27.72 6.07 -2.26
CA LYS A 251 28.01 6.13 -0.83
C LYS A 251 26.78 6.53 -0.02
N ASN A 252 26.61 5.90 1.13
CA ASN A 252 25.46 6.15 1.98
C ASN A 252 25.78 7.24 2.99
N ALA A 253 24.95 7.37 4.02
CA ALA A 253 25.13 8.42 5.01
C ALA A 253 26.44 8.29 5.79
N GLU A 254 26.94 7.07 5.96
CA GLU A 254 28.18 6.87 6.69
C GLU A 254 29.37 6.94 5.75
N GLY A 255 29.14 7.38 4.51
CA GLY A 255 30.20 7.46 3.51
C GLY A 255 30.65 6.12 2.95
N LYS A 256 29.81 5.07 3.09
CA LYS A 256 30.18 3.70 2.73
C LYS A 256 29.52 3.19 1.45
N ARG A 257 30.33 2.58 0.59
CA ARG A 257 29.84 1.81 -0.57
C ARG A 257 29.22 0.48 -0.08
N PRO A 258 28.34 -0.14 -0.89
CA PRO A 258 27.73 -1.43 -0.54
C PRO A 258 28.75 -2.50 -0.10
N VAL A 259 29.84 -2.64 -0.87
CA VAL A 259 30.88 -3.62 -0.53
C VAL A 259 31.35 -3.48 0.92
N GLU A 260 31.42 -2.25 1.42
CA GLU A 260 31.88 -2.01 2.80
C GLU A 260 30.88 -2.38 3.90
N LEU A 261 29.72 -2.92 3.53
CA LEU A 261 28.73 -3.34 4.52
C LEU A 261 28.71 -4.87 4.68
N VAL A 262 29.53 -5.58 3.91
CA VAL A 262 29.62 -7.05 4.00
C VAL A 262 30.95 -7.55 4.62
N PRO A 263 30.94 -8.74 5.28
CA PRO A 263 32.22 -9.25 5.77
C PRO A 263 33.22 -9.48 4.62
N PRO A 264 34.49 -9.12 4.81
CA PRO A 264 35.50 -9.20 3.75
C PRO A 264 35.63 -10.59 3.09
N GLU A 265 35.33 -11.63 3.86
CA GLU A 265 35.43 -12.99 3.32
C GLU A 265 34.12 -13.56 2.74
N SER A 266 33.02 -12.81 2.87
CA SER A 266 31.69 -13.20 2.37
C SER A 266 31.68 -13.34 0.86
N PRO A 267 30.79 -14.21 0.34
CA PRO A 267 30.60 -14.35 -1.09
C PRO A 267 30.20 -13.03 -1.78
N LEU A 268 29.48 -12.15 -1.08
CA LEU A 268 29.11 -10.85 -1.68
C LEU A 268 30.36 -10.01 -1.96
N ALA A 269 31.24 -9.95 -0.97
CA ALA A 269 32.50 -9.23 -1.08
C ALA A 269 33.30 -9.70 -2.27
N GLN A 270 33.34 -11.02 -2.49
CA GLN A 270 34.10 -11.55 -3.61
C GLN A 270 33.47 -11.19 -4.95
N LEU A 271 32.14 -11.15 -5.01
CA LEU A 271 31.45 -10.62 -6.18
C LEU A 271 31.79 -9.14 -6.47
N PHE A 272 31.70 -8.29 -5.45
CA PHE A 272 32.00 -6.87 -5.63
C PHE A 272 33.43 -6.67 -6.12
N LEU A 273 34.38 -7.32 -5.43
CA LEU A 273 35.78 -7.35 -5.86
C LEU A 273 35.98 -7.86 -7.29
N GLU A 274 35.27 -8.94 -7.65
CA GLU A 274 35.31 -9.45 -9.02
C GLU A 274 34.98 -8.35 -10.03
N ARG A 275 33.93 -7.58 -9.75
CA ARG A 275 33.51 -6.51 -10.67
C ARG A 275 34.49 -5.34 -10.75
N GLU A 276 35.07 -4.96 -9.61
CA GLU A 276 36.03 -3.85 -9.54
C GLU A 276 37.35 -4.08 -10.30
#